data_3V2P
#
_entry.id   3V2P
#
_cell.length_a   37.900
_cell.length_b   48.980
_cell.length_c   53.997
_cell.angle_alpha   90.000
_cell.angle_beta   104.070
_cell.angle_gamma   90.000
#
_symmetry.space_group_name_H-M   'P 1 21 1'
#
loop_
_entity.id
_entity.type
_entity.pdbx_description
1 polymer 'Cartilage Oligomerization matrix protein (coiled-coil domain)'
2 non-polymer 'STEARIC ACID'
3 water water
#
_entity_poly.entity_id   1
_entity_poly.type   'polypeptide(L)'
_entity_poly.pdbx_seq_one_letter_code
;MDLAPQMLRELQETNAALQDVRELLRQQVKEITFLKNTVMECDAC
;
_entity_poly.pdbx_strand_id   A,B,C,D,E
#
loop_
_chem_comp.id
_chem_comp.type
_chem_comp.name
_chem_comp.formula
STE non-polymer 'STEARIC ACID' 'C18 H36 O2'
#
# COMPACT_ATOMS: atom_id res chain seq x y z
N MET A 1 22.93 -14.17 23.66
CA MET A 1 21.62 -14.17 24.39
C MET A 1 20.50 -14.66 23.50
N ASP A 2 19.31 -14.81 24.07
CA ASP A 2 18.13 -15.27 23.35
C ASP A 2 17.56 -14.10 22.54
N LEU A 3 17.39 -14.30 21.24
CA LEU A 3 16.85 -13.26 20.37
C LEU A 3 15.36 -13.40 20.10
N ALA A 4 14.73 -14.44 20.65
CA ALA A 4 13.30 -14.65 20.46
C ALA A 4 12.47 -13.48 21.00
N PRO A 5 12.78 -12.97 22.19
CA PRO A 5 11.99 -11.85 22.70
C PRO A 5 12.06 -10.64 21.76
N GLN A 6 13.24 -10.38 21.21
CA GLN A 6 13.38 -9.25 20.30
C GLN A 6 12.66 -9.53 18.98
N MET A 7 12.64 -10.80 18.57
CA MET A 7 11.95 -11.15 17.35
C MET A 7 10.46 -10.89 17.53
N LEU A 8 9.91 -11.27 18.68
CA LEU A 8 8.50 -11.05 18.95
C LEU A 8 8.23 -9.54 18.92
N ARG A 9 9.13 -8.76 19.52
CA ARG A 9 8.96 -7.32 19.52
C ARG A 9 8.94 -6.74 18.11
N GLU A 10 9.81 -7.23 17.23
CA GLU A 10 9.82 -6.72 15.86
C GLU A 10 8.48 -7.03 15.19
N LEU A 11 7.96 -8.24 15.40
CA LEU A 11 6.69 -8.64 14.82
C LEU A 11 5.56 -7.76 15.35
N GLN A 12 5.61 -7.44 16.64
CA GLN A 12 4.56 -6.60 17.23
C GLN A 12 4.62 -5.19 16.63
N GLU A 13 5.83 -4.71 16.39
CA GLU A 13 5.99 -3.39 15.79
C GLU A 13 5.52 -3.43 14.34
N THR A 14 5.75 -4.54 13.66
CA THR A 14 5.31 -4.71 12.28
C THR A 14 3.80 -4.58 12.22
N ASN A 15 3.11 -5.31 13.08
CA ASN A 15 1.65 -5.24 13.12
C ASN A 15 1.14 -3.86 13.48
N ALA A 16 1.88 -3.15 14.33
CA ALA A 16 1.47 -1.79 14.69
C ALA A 16 1.48 -0.92 13.45
N ALA A 17 2.59 -0.92 12.73
CA ALA A 17 2.72 -0.12 11.51
C ALA A 17 1.74 -0.60 10.43
N LEU A 18 1.55 -1.90 10.34
CA LEU A 18 0.62 -2.44 9.34
C LEU A 18 -0.81 -1.99 9.63
N GLN A 19 -1.16 -1.90 10.92
CA GLN A 19 -2.50 -1.45 11.30
C GLN A 19 -2.67 0.01 10.91
N ASP A 20 -1.60 0.79 11.04
CA ASP A 20 -1.65 2.20 10.66
C ASP A 20 -1.86 2.29 9.16
N VAL A 21 -1.15 1.42 8.43
CA VAL A 21 -1.26 1.39 6.97
C VAL A 21 -2.69 1.08 6.55
N ARG A 22 -3.33 0.13 7.23
CA ARG A 22 -4.72 -0.25 6.91
C ARG A 22 -5.67 0.92 7.08
N GLU A 23 -5.49 1.67 8.17
CA GLU A 23 -6.34 2.83 8.48
C GLU A 23 -6.14 3.94 7.45
N LEU A 24 -4.90 4.18 7.06
CA LEU A 24 -4.60 5.21 6.08
C LEU A 24 -5.23 4.84 4.75
N LEU A 25 -4.97 3.61 4.30
CA LEU A 25 -5.50 3.12 3.05
C LEU A 25 -7.02 3.21 3.02
N ARG A 26 -7.63 2.90 4.16
CA ARG A 26 -9.08 2.93 4.30
C ARG A 26 -9.59 4.35 4.05
N GLN A 27 -8.91 5.33 4.63
CA GLN A 27 -9.29 6.72 4.47
C GLN A 27 -9.08 7.16 3.02
N GLN A 28 -7.97 6.73 2.45
CA GLN A 28 -7.61 7.08 1.08
C GLN A 28 -8.68 6.60 0.09
N VAL A 29 -9.15 5.37 0.25
CA VAL A 29 -10.17 4.86 -0.66
C VAL A 29 -11.39 5.79 -0.59
N LYS A 30 -11.70 6.29 0.60
CA LYS A 30 -12.84 7.19 0.76
C LYS A 30 -12.63 8.50 0.01
N GLU A 31 -11.42 9.03 0.10
CA GLU A 31 -11.06 10.27 -0.58
C GLU A 31 -11.11 10.07 -2.10
N ILE A 32 -10.64 8.91 -2.55
CA ILE A 32 -10.63 8.61 -3.98
C ILE A 32 -12.05 8.43 -4.53
N THR A 33 -12.90 7.76 -3.76
CA THR A 33 -14.28 7.55 -4.20
C THR A 33 -14.97 8.91 -4.28
N PHE A 34 -14.65 9.78 -3.34
CA PHE A 34 -15.24 11.10 -3.31
C PHE A 34 -14.77 11.87 -4.55
N LEU A 35 -13.47 11.75 -4.84
CA LEU A 35 -12.88 12.41 -6.00
C LEU A 35 -13.57 11.90 -7.27
N LYS A 36 -13.79 10.59 -7.33
CA LYS A 36 -14.45 10.00 -8.49
C LYS A 36 -15.82 10.61 -8.74
N ASN A 37 -16.69 10.52 -7.74
CA ASN A 37 -18.04 11.06 -7.86
C ASN A 37 -18.06 12.54 -8.22
N THR A 38 -17.16 13.32 -7.62
CA THR A 38 -17.09 14.74 -7.92
C THR A 38 -16.79 14.95 -9.40
N VAL A 39 -15.83 14.18 -9.92
CA VAL A 39 -15.44 14.26 -11.33
C VAL A 39 -16.59 13.83 -12.24
N MET A 40 -17.33 12.82 -11.79
CA MET A 40 -18.47 12.32 -12.56
C MET A 40 -19.53 13.41 -12.73
N GLU A 41 -19.62 14.29 -11.74
CA GLU A 41 -20.59 15.38 -11.77
C GLU A 41 -20.00 16.70 -12.28
N CYS A 42 -18.81 16.64 -12.86
CA CYS A 42 -18.19 17.85 -13.37
C CYS A 42 -18.87 18.28 -14.66
N ASP A 43 -19.62 19.37 -14.60
CA ASP A 43 -20.34 19.88 -15.75
C ASP A 43 -19.49 20.02 -17.01
N ALA A 44 -18.22 20.38 -16.84
CA ALA A 44 -17.32 20.54 -17.98
C ALA A 44 -17.17 19.22 -18.72
N CYS A 45 -17.38 18.11 -18.02
CA CYS A 45 -17.26 16.78 -18.61
C CYS A 45 -18.59 16.22 -19.10
N MET B 1 10.32 -18.95 28.99
CA MET B 1 8.95 -18.88 28.39
C MET B 1 8.97 -19.02 26.88
N ASP B 2 8.45 -20.14 26.39
CA ASP B 2 8.38 -20.42 24.96
C ASP B 2 7.53 -19.34 24.29
N LEU B 3 8.13 -18.60 23.37
CA LEU B 3 7.44 -17.50 22.69
C LEU B 3 6.75 -17.86 21.38
N ALA B 4 6.93 -19.10 20.92
CA ALA B 4 6.32 -19.53 19.67
C ALA B 4 4.82 -19.22 19.60
N PRO B 5 4.07 -19.53 20.68
CA PRO B 5 2.63 -19.27 20.71
C PRO B 5 2.29 -17.81 20.41
N GLN B 6 3.04 -16.89 21.02
CA GLN B 6 2.82 -15.47 20.80
C GLN B 6 3.26 -15.06 19.40
N MET B 7 4.38 -15.60 18.92
CA MET B 7 4.84 -15.25 17.58
C MET B 7 3.81 -15.67 16.54
N LEU B 8 3.28 -16.87 16.70
CA LEU B 8 2.26 -17.37 15.77
C LEU B 8 1.06 -16.42 15.73
N ARG B 9 0.61 -15.95 16.89
CA ARG B 9 -0.51 -15.02 16.90
C ARG B 9 -0.17 -13.75 16.13
N GLU B 10 1.06 -13.27 16.26
CA GLU B 10 1.46 -12.07 15.54
C GLU B 10 1.44 -12.33 14.04
N LEU B 11 1.96 -13.49 13.62
CA LEU B 11 1.96 -13.81 12.20
C LEU B 11 0.53 -13.89 11.67
N GLN B 12 -0.38 -14.47 12.46
CA GLN B 12 -1.76 -14.57 12.03
C GLN B 12 -2.41 -13.21 11.90
N GLU B 13 -2.10 -12.32 12.84
CA GLU B 13 -2.62 -10.96 12.83
C GLU B 13 -2.12 -10.25 11.58
N THR B 14 -0.83 -10.45 11.26
CA THR B 14 -0.25 -9.83 10.08
C THR B 14 -1.03 -10.23 8.83
N ASN B 15 -1.30 -11.53 8.67
CA ASN B 15 -2.02 -11.98 7.49
C ASN B 15 -3.46 -11.46 7.42
N ALA B 16 -4.10 -11.32 8.57
CA ALA B 16 -5.48 -10.80 8.61
C ALA B 16 -5.45 -9.34 8.16
N ALA B 17 -4.44 -8.61 8.62
CA ALA B 17 -4.28 -7.21 8.25
C ALA B 17 -4.02 -7.12 6.76
N LEU B 18 -3.15 -8.00 6.25
CA LEU B 18 -2.86 -7.97 4.82
C LEU B 18 -4.07 -8.34 3.97
N GLN B 19 -4.91 -9.22 4.46
CA GLN B 19 -6.11 -9.60 3.71
C GLN B 19 -6.94 -8.34 3.50
N ASP B 20 -7.07 -7.55 4.56
CA ASP B 20 -7.84 -6.31 4.51
C ASP B 20 -7.17 -5.31 3.57
N VAL B 21 -5.85 -5.18 3.70
CA VAL B 21 -5.09 -4.29 2.84
C VAL B 21 -5.29 -4.64 1.37
N ARG B 22 -5.25 -5.93 1.06
CA ARG B 22 -5.42 -6.38 -0.32
C ARG B 22 -6.82 -6.06 -0.85
N GLU B 23 -7.84 -6.31 -0.04
CA GLU B 23 -9.22 -6.04 -0.43
C GLU B 23 -9.42 -4.55 -0.67
N LEU B 24 -8.83 -3.72 0.19
CA LEU B 24 -8.93 -2.27 0.06
C LEU B 24 -8.25 -1.80 -1.22
N LEU B 25 -7.07 -2.32 -1.47
CA LEU B 25 -6.32 -1.95 -2.66
C LEU B 25 -7.09 -2.38 -3.89
N ARG B 26 -7.72 -3.55 -3.83
CA ARG B 26 -8.51 -4.03 -4.96
C ARG B 26 -9.64 -3.07 -5.26
N GLN B 27 -10.33 -2.61 -4.22
CA GLN B 27 -11.44 -1.70 -4.46
C GLN B 27 -10.91 -0.34 -4.91
N GLN B 28 -9.75 0.06 -4.40
CA GLN B 28 -9.19 1.35 -4.77
C GLN B 28 -8.78 1.38 -6.24
N VAL B 29 -8.22 0.28 -6.73
CA VAL B 29 -7.81 0.22 -8.13
C VAL B 29 -9.04 0.34 -9.03
N LYS B 30 -10.16 -0.23 -8.58
CA LYS B 30 -11.39 -0.16 -9.37
C LYS B 30 -11.92 1.27 -9.47
N GLU B 31 -11.79 2.01 -8.38
CA GLU B 31 -12.24 3.41 -8.33
C GLU B 31 -11.38 4.27 -9.24
N ILE B 32 -10.07 4.07 -9.16
CA ILE B 32 -9.12 4.83 -9.98
C ILE B 32 -9.33 4.50 -11.46
N THR B 33 -9.60 3.24 -11.75
CA THR B 33 -9.81 2.81 -13.13
C THR B 33 -11.06 3.50 -13.68
N PHE B 34 -12.08 3.63 -12.85
CA PHE B 34 -13.32 4.29 -13.26
C PHE B 34 -13.06 5.78 -13.45
N LEU B 35 -12.28 6.37 -12.53
CA LEU B 35 -11.93 7.79 -12.61
C LEU B 35 -11.15 8.05 -13.90
N LYS B 36 -10.25 7.14 -14.24
CA LYS B 36 -9.43 7.26 -15.46
C LYS B 36 -10.33 7.34 -16.69
N ASN B 37 -11.18 6.31 -16.84
CA ASN B 37 -12.08 6.25 -17.98
C ASN B 37 -13.04 7.42 -18.08
N THR B 38 -13.44 7.96 -16.93
CA THR B 38 -14.35 9.10 -16.92
C THR B 38 -13.65 10.36 -17.42
N VAL B 39 -12.40 10.55 -17.03
CA VAL B 39 -11.64 11.71 -17.48
C VAL B 39 -11.32 11.56 -18.96
N MET B 40 -11.07 10.33 -19.39
CA MET B 40 -10.76 10.07 -20.80
C MET B 40 -11.91 10.50 -21.70
N GLU B 41 -13.15 10.25 -21.28
CA GLU B 41 -14.31 10.65 -22.09
C GLU B 41 -14.91 11.97 -21.62
N CYS B 42 -14.07 12.86 -21.11
CA CYS B 42 -14.53 14.16 -20.63
C CYS B 42 -14.65 15.12 -21.81
N ASP B 43 -15.82 15.74 -21.95
CA ASP B 43 -16.07 16.69 -23.05
C ASP B 43 -15.00 17.77 -23.12
N ALA B 44 -14.83 18.50 -22.03
CA ALA B 44 -13.84 19.57 -21.97
C ALA B 44 -12.43 18.99 -21.87
N CYS B 45 -11.96 18.40 -22.96
CA CYS B 45 -10.63 17.81 -23.02
C CYS B 45 -10.22 17.53 -24.47
N MET C 1 2.81 -28.58 21.85
CA MET C 1 2.46 -28.74 20.41
C MET C 1 3.42 -27.91 19.56
N ASP C 2 4.11 -28.58 18.64
CA ASP C 2 5.06 -27.91 17.76
C ASP C 2 4.32 -26.97 16.81
N LEU C 3 4.65 -25.67 16.89
CA LEU C 3 3.99 -24.67 16.07
C LEU C 3 4.78 -24.22 14.83
N ALA C 4 6.02 -24.69 14.69
CA ALA C 4 6.84 -24.29 13.55
C ALA C 4 6.14 -24.52 12.20
N PRO C 5 5.61 -25.74 11.97
CA PRO C 5 4.94 -26.02 10.69
C PRO C 5 3.90 -24.95 10.37
N GLN C 6 3.07 -24.64 11.36
CA GLN C 6 2.02 -23.64 11.19
C GLN C 6 2.59 -22.24 11.00
N MET C 7 3.73 -21.96 11.62
CA MET C 7 4.35 -20.65 11.47
C MET C 7 4.89 -20.51 10.06
N LEU C 8 5.41 -21.62 9.51
CA LEU C 8 5.93 -21.61 8.15
C LEU C 8 4.79 -21.34 7.19
N ARG C 9 3.64 -21.96 7.42
CA ARG C 9 2.49 -21.75 6.55
C ARG C 9 2.01 -20.29 6.57
N GLU C 10 2.06 -19.66 7.74
CA GLU C 10 1.65 -18.25 7.85
C GLU C 10 2.61 -17.37 7.04
N LEU C 11 3.90 -17.64 7.14
CA LEU C 11 4.89 -16.86 6.41
C LEU C 11 4.72 -17.03 4.91
N GLN C 12 4.41 -18.24 4.47
CA GLN C 12 4.20 -18.48 3.05
C GLN C 12 2.95 -17.74 2.58
N GLU C 13 1.96 -17.65 3.45
CA GLU C 13 0.73 -16.93 3.13
C GLU C 13 1.02 -15.44 3.04
N THR C 14 1.90 -14.95 3.91
CA THR C 14 2.25 -13.53 3.88
C THR C 14 2.91 -13.19 2.54
N ASN C 15 3.73 -14.09 2.03
CA ASN C 15 4.37 -13.86 0.75
C ASN C 15 3.40 -13.97 -0.41
N ALA C 16 2.42 -14.85 -0.29
CA ALA C 16 1.44 -14.99 -1.36
C ALA C 16 0.62 -13.70 -1.39
N ALA C 17 0.24 -13.22 -0.21
CA ALA C 17 -0.56 -12.00 -0.11
C ALA C 17 0.22 -10.79 -0.58
N LEU C 18 1.51 -10.74 -0.26
CA LEU C 18 2.36 -9.62 -0.67
C LEU C 18 2.55 -9.60 -2.19
N GLN C 19 2.61 -10.77 -2.80
CA GLN C 19 2.76 -10.82 -4.23
C GLN C 19 1.50 -10.25 -4.87
N ASP C 20 0.33 -10.54 -4.29
CA ASP C 20 -0.93 -10.01 -4.82
C ASP C 20 -0.92 -8.49 -4.69
N VAL C 21 -0.43 -7.99 -3.55
CA VAL C 21 -0.38 -6.55 -3.30
C VAL C 21 0.53 -5.85 -4.32
N ARG C 22 1.68 -6.45 -4.58
CA ARG C 22 2.62 -5.90 -5.53
C ARG C 22 2.00 -5.85 -6.93
N GLU C 23 1.28 -6.91 -7.29
CA GLU C 23 0.63 -6.99 -8.59
C GLU C 23 -0.41 -5.88 -8.73
N LEU C 24 -1.23 -5.71 -7.70
CA LEU C 24 -2.26 -4.67 -7.73
C LEU C 24 -1.62 -3.28 -7.75
N LEU C 25 -0.53 -3.10 -7.01
CA LEU C 25 0.12 -1.80 -6.96
C LEU C 25 0.74 -1.42 -8.31
N ARG C 26 1.35 -2.39 -8.99
CA ARG C 26 1.94 -2.07 -10.27
C ARG C 26 0.86 -1.71 -11.28
N GLN C 27 -0.31 -2.33 -11.18
CA GLN C 27 -1.39 -2.02 -12.11
C GLN C 27 -1.92 -0.64 -11.76
N GLN C 28 -2.05 -0.38 -10.46
CA GLN C 28 -2.57 0.90 -10.01
C GLN C 28 -1.68 2.05 -10.48
N VAL C 29 -0.37 1.86 -10.41
CA VAL C 29 0.55 2.90 -10.85
C VAL C 29 0.30 3.21 -12.34
N LYS C 30 0.01 2.16 -13.11
CA LYS C 30 -0.26 2.33 -14.54
C LYS C 30 -1.53 3.15 -14.76
N GLU C 31 -2.57 2.84 -13.99
CA GLU C 31 -3.84 3.54 -14.11
C GLU C 31 -3.67 5.01 -13.71
N ILE C 32 -2.94 5.25 -12.64
CA ILE C 32 -2.69 6.61 -12.18
C ILE C 32 -1.91 7.38 -13.24
N THR C 33 -0.92 6.71 -13.83
CA THR C 33 -0.10 7.35 -14.85
C THR C 33 -0.94 7.71 -16.08
N PHE C 34 -1.85 6.81 -16.46
CA PHE C 34 -2.71 7.09 -17.60
C PHE C 34 -3.57 8.31 -17.27
N LEU C 35 -4.05 8.36 -16.03
CA LEU C 35 -4.88 9.47 -15.59
C LEU C 35 -4.09 10.78 -15.69
N LYS C 36 -2.84 10.75 -15.22
CA LYS C 36 -1.99 11.94 -15.27
C LYS C 36 -1.83 12.46 -16.69
N ASN C 37 -1.41 11.57 -17.60
CA ASN C 37 -1.19 11.98 -18.98
C ASN C 37 -2.47 12.48 -19.65
N THR C 38 -3.60 11.83 -19.37
CA THR C 38 -4.88 12.23 -19.96
C THR C 38 -5.24 13.65 -19.57
N VAL C 39 -4.97 14.02 -18.32
CA VAL C 39 -5.27 15.36 -17.84
C VAL C 39 -4.32 16.37 -18.49
N MET C 40 -3.07 15.95 -18.70
CA MET C 40 -2.07 16.80 -19.32
C MET C 40 -2.44 17.19 -20.75
N GLU C 41 -3.09 16.28 -21.46
CA GLU C 41 -3.49 16.54 -22.83
C GLU C 41 -4.92 17.04 -22.92
N CYS C 42 -5.49 17.41 -21.78
CA CYS C 42 -6.86 17.92 -21.75
C CYS C 42 -6.88 19.39 -22.15
N ASP C 43 -7.42 19.66 -23.34
CA ASP C 43 -7.49 21.03 -23.86
C ASP C 43 -8.06 22.06 -22.88
N ALA C 44 -9.15 21.69 -22.20
CA ALA C 44 -9.81 22.57 -21.24
C ALA C 44 -8.87 23.25 -20.26
N CYS C 45 -7.71 22.66 -20.01
CA CYS C 45 -6.75 23.23 -19.08
C CYS C 45 -5.86 24.28 -19.74
N MET D 1 18.06 -26.24 10.38
CA MET D 1 17.53 -26.46 11.75
C MET D 1 16.01 -26.56 11.71
N ASP D 2 15.51 -27.77 11.42
CA ASP D 2 14.08 -28.02 11.33
C ASP D 2 13.50 -27.24 10.16
N LEU D 3 12.63 -26.28 10.48
CA LEU D 3 12.00 -25.44 9.47
C LEU D 3 12.59 -24.04 9.48
N ALA D 4 13.56 -23.81 10.36
CA ALA D 4 14.20 -22.51 10.46
C ALA D 4 14.74 -22.05 9.11
N PRO D 5 15.47 -22.92 8.38
CA PRO D 5 16.01 -22.53 7.07
C PRO D 5 14.90 -22.04 6.14
N GLN D 6 13.80 -22.77 6.10
CA GLN D 6 12.68 -22.42 5.25
C GLN D 6 12.00 -21.12 5.70
N MET D 7 11.89 -20.93 7.00
CA MET D 7 11.28 -19.70 7.51
C MET D 7 12.13 -18.49 7.14
N LEU D 8 13.45 -18.62 7.28
CA LEU D 8 14.34 -17.51 6.94
C LEU D 8 14.19 -17.14 5.46
N ARG D 9 14.05 -18.15 4.60
CA ARG D 9 13.90 -17.87 3.18
C ARG D 9 12.60 -17.12 2.89
N GLU D 10 11.52 -17.48 3.58
CA GLU D 10 10.25 -16.78 3.40
C GLU D 10 10.42 -15.32 3.82
N LEU D 11 11.13 -15.09 4.92
CA LEU D 11 11.34 -13.74 5.41
C LEU D 11 12.16 -12.89 4.43
N GLN D 12 13.13 -13.51 3.78
CA GLN D 12 13.95 -12.80 2.80
C GLN D 12 13.08 -12.43 1.61
N GLU D 13 12.23 -13.37 1.18
CA GLU D 13 11.33 -13.10 0.05
C GLU D 13 10.38 -11.97 0.39
N THR D 14 9.94 -11.92 1.64
CA THR D 14 9.04 -10.86 2.09
C THR D 14 9.73 -9.51 2.04
N ASN D 15 10.99 -9.47 2.43
CA ASN D 15 11.74 -8.21 2.41
C ASN D 15 11.95 -7.75 0.96
N ALA D 16 12.17 -8.70 0.07
CA ALA D 16 12.38 -8.37 -1.35
C ALA D 16 11.10 -7.77 -1.93
N ALA D 17 9.97 -8.39 -1.63
CA ALA D 17 8.68 -7.92 -2.12
C ALA D 17 8.36 -6.53 -1.59
N LEU D 18 8.69 -6.30 -0.32
CA LEU D 18 8.45 -5.01 0.31
C LEU D 18 9.29 -3.91 -0.32
N GLN D 19 10.51 -4.24 -0.71
CA GLN D 19 11.39 -3.26 -1.33
C GLN D 19 10.71 -2.81 -2.63
N ASP D 20 10.17 -3.76 -3.38
CA ASP D 20 9.49 -3.45 -4.61
C ASP D 20 8.23 -2.62 -4.35
N VAL D 21 7.49 -2.96 -3.29
CA VAL D 21 6.29 -2.20 -2.96
C VAL D 21 6.67 -0.75 -2.63
N ARG D 22 7.77 -0.60 -1.93
CA ARG D 22 8.26 0.72 -1.55
C ARG D 22 8.63 1.54 -2.79
N GLU D 23 9.37 0.93 -3.71
CA GLU D 23 9.78 1.62 -4.93
C GLU D 23 8.54 2.00 -5.75
N LEU D 24 7.56 1.10 -5.82
CA LEU D 24 6.33 1.38 -6.56
C LEU D 24 5.58 2.54 -5.94
N LEU D 25 5.48 2.54 -4.61
CA LEU D 25 4.76 3.59 -3.91
C LEU D 25 5.49 4.92 -4.09
N ARG D 26 6.82 4.89 -4.09
CA ARG D 26 7.57 6.13 -4.28
C ARG D 26 7.30 6.73 -5.64
N GLN D 27 7.12 5.88 -6.64
CA GLN D 27 6.83 6.34 -7.98
C GLN D 27 5.40 6.87 -8.04
N GLN D 28 4.48 6.15 -7.41
CA GLN D 28 3.07 6.53 -7.40
C GLN D 28 2.82 7.90 -6.76
N VAL D 29 3.53 8.20 -5.69
CA VAL D 29 3.38 9.49 -5.03
C VAL D 29 3.82 10.61 -5.97
N LYS D 30 4.87 10.37 -6.74
CA LYS D 30 5.34 11.38 -7.69
C LYS D 30 4.29 11.66 -8.77
N GLU D 31 3.58 10.62 -9.19
CA GLU D 31 2.55 10.80 -10.22
C GLU D 31 1.36 11.54 -9.65
N ILE D 32 1.03 11.25 -8.39
CA ILE D 32 -0.10 11.91 -7.74
C ILE D 32 0.21 13.37 -7.48
N THR D 33 1.47 13.65 -7.12
CA THR D 33 1.89 15.02 -6.86
C THR D 33 1.86 15.83 -8.15
N PHE D 34 2.29 15.22 -9.26
CA PHE D 34 2.27 15.90 -10.54
C PHE D 34 0.83 16.18 -10.94
N LEU D 35 -0.03 15.19 -10.72
CA LEU D 35 -1.45 15.31 -11.04
C LEU D 35 -2.06 16.42 -10.19
N LYS D 36 -1.65 16.48 -8.93
CA LYS D 36 -2.15 17.48 -7.99
C LYS D 36 -1.79 18.89 -8.46
N ASN D 37 -0.54 19.09 -8.85
CA ASN D 37 -0.07 20.39 -9.31
C ASN D 37 -0.73 20.77 -10.64
N THR D 38 -0.94 19.76 -11.49
CA THR D 38 -1.55 19.97 -12.80
C THR D 38 -2.96 20.54 -12.68
N VAL D 39 -3.81 19.87 -11.91
CA VAL D 39 -5.18 20.32 -11.72
C VAL D 39 -5.20 21.63 -10.95
N MET D 40 -4.24 21.79 -10.04
CA MET D 40 -4.15 22.99 -9.23
C MET D 40 -3.80 24.21 -10.07
N GLU D 41 -3.05 23.99 -11.16
CA GLU D 41 -2.64 25.06 -12.06
C GLU D 41 -3.46 25.10 -13.34
N CYS D 42 -4.63 24.46 -13.31
CA CYS D 42 -5.50 24.42 -14.48
C CYS D 42 -6.18 25.78 -14.68
N ASP D 43 -6.39 26.14 -15.94
CA ASP D 43 -7.01 27.42 -16.28
C ASP D 43 -8.53 27.39 -16.16
N ALA D 44 -9.15 26.33 -16.69
CA ALA D 44 -10.59 26.18 -16.66
C ALA D 44 -11.16 26.23 -15.24
N CYS D 45 -10.36 25.85 -14.25
CA CYS D 45 -10.79 25.85 -12.86
C CYS D 45 -10.93 27.23 -12.22
N MET E 1 20.81 -19.31 19.71
CA MET E 1 20.88 -20.51 18.83
C MET E 1 20.01 -20.32 17.60
N ASP E 2 20.03 -21.32 16.71
CA ASP E 2 19.23 -21.28 15.49
C ASP E 2 19.49 -20.02 14.66
N LEU E 3 18.89 -19.97 13.48
CA LEU E 3 19.01 -18.84 12.56
C LEU E 3 18.34 -17.60 13.13
N ALA E 4 18.25 -17.53 14.46
CA ALA E 4 17.61 -16.40 15.13
C ALA E 4 18.23 -15.07 14.69
N PRO E 5 19.58 -14.99 14.65
CA PRO E 5 20.24 -13.73 14.26
C PRO E 5 19.82 -13.29 12.85
N GLN E 6 19.77 -14.24 11.92
CA GLN E 6 19.38 -13.96 10.54
C GLN E 6 17.90 -13.60 10.40
N MET E 7 17.04 -14.32 11.10
CA MET E 7 15.62 -14.04 11.02
C MET E 7 15.31 -12.67 11.60
N LEU E 8 15.96 -12.34 12.72
CA LEU E 8 15.75 -11.05 13.35
C LEU E 8 16.13 -9.93 12.38
N ARG E 9 17.27 -10.09 11.72
CA ARG E 9 17.72 -9.10 10.76
C ARG E 9 16.68 -8.86 9.65
N GLU E 10 16.10 -9.93 9.11
CA GLU E 10 15.09 -9.79 8.05
C GLU E 10 13.87 -9.04 8.59
N LEU E 11 13.50 -9.33 9.84
CA LEU E 11 12.36 -8.67 10.45
C LEU E 11 12.63 -7.18 10.64
N GLN E 12 13.84 -6.84 11.06
CA GLN E 12 14.19 -5.44 11.28
C GLN E 12 14.19 -4.67 9.96
N GLU E 13 14.68 -5.28 8.89
CA GLU E 13 14.69 -4.61 7.60
C GLU E 13 13.25 -4.43 7.13
N THR E 14 12.41 -5.43 7.39
CA THR E 14 11.00 -5.35 6.99
C THR E 14 10.31 -4.21 7.73
N ASN E 15 10.56 -4.09 9.03
CA ASN E 15 9.96 -3.02 9.80
C ASN E 15 10.41 -1.66 9.30
N ALA E 16 11.69 -1.54 8.96
CA ALA E 16 12.21 -0.29 8.45
C ALA E 16 11.51 0.11 7.16
N ALA E 17 11.24 -0.86 6.30
CA ALA E 17 10.57 -0.58 5.04
C ALA E 17 9.10 -0.24 5.25
N LEU E 18 8.46 -0.94 6.19
CA LEU E 18 7.05 -0.71 6.48
C LEU E 18 6.86 0.69 7.04
N GLN E 19 7.75 1.12 7.92
CA GLN E 19 7.67 2.46 8.48
C GLN E 19 7.76 3.51 7.37
N ASP E 20 8.60 3.25 6.38
CA ASP E 20 8.74 4.17 5.24
C ASP E 20 7.44 4.13 4.43
N VAL E 21 6.92 2.93 4.21
CA VAL E 21 5.66 2.78 3.47
C VAL E 21 4.57 3.57 4.19
N ARG E 22 4.53 3.49 5.51
CA ARG E 22 3.53 4.20 6.28
C ARG E 22 3.60 5.71 6.03
N GLU E 23 4.80 6.26 6.09
CA GLU E 23 4.98 7.68 5.88
C GLU E 23 4.68 8.10 4.44
N LEU E 24 4.98 7.22 3.49
CA LEU E 24 4.69 7.52 2.10
C LEU E 24 3.18 7.63 1.91
N LEU E 25 2.46 6.66 2.48
CA LEU E 25 0.99 6.63 2.39
C LEU E 25 0.40 7.87 3.03
N ARG E 26 1.00 8.26 4.15
CA ARG E 26 0.55 9.43 4.91
C ARG E 26 0.59 10.65 3.99
N GLN E 27 1.75 10.86 3.37
CA GLN E 27 1.92 11.97 2.45
C GLN E 27 0.98 11.83 1.25
N GLN E 28 0.85 10.62 0.73
CA GLN E 28 0.00 10.40 -0.43
C GLN E 28 -1.47 10.76 -0.21
N VAL E 29 -2.05 10.34 0.91
CA VAL E 29 -3.45 10.65 1.18
C VAL E 29 -3.63 12.16 1.29
N LYS E 30 -2.59 12.83 1.77
CA LYS E 30 -2.61 14.28 1.91
C LYS E 30 -2.75 14.89 0.52
N GLU E 31 -1.86 14.49 -0.39
CA GLU E 31 -1.87 14.99 -1.76
C GLU E 31 -3.21 14.72 -2.43
N ILE E 32 -3.77 13.53 -2.20
CA ILE E 32 -5.05 13.17 -2.79
C ILE E 32 -6.14 14.06 -2.23
N THR E 33 -6.06 14.32 -0.92
CA THR E 33 -7.03 15.18 -0.26
C THR E 33 -6.95 16.59 -0.85
N PHE E 34 -5.74 17.04 -1.18
CA PHE E 34 -5.58 18.36 -1.78
C PHE E 34 -6.20 18.35 -3.18
N LEU E 35 -5.87 17.31 -3.95
CA LEU E 35 -6.40 17.16 -5.31
C LEU E 35 -7.92 17.17 -5.25
N LYS E 36 -8.49 16.46 -4.29
CA LYS E 36 -9.94 16.40 -4.13
C LYS E 36 -10.52 17.80 -3.92
N ASN E 37 -9.94 18.55 -2.98
CA ASN E 37 -10.41 19.90 -2.68
C ASN E 37 -10.26 20.87 -3.84
N THR E 38 -9.23 20.68 -4.64
CA THR E 38 -8.98 21.55 -5.80
C THR E 38 -10.03 21.31 -6.87
N VAL E 39 -10.50 20.06 -6.96
CA VAL E 39 -11.50 19.69 -7.96
C VAL E 39 -12.88 20.16 -7.51
N MET E 40 -13.13 20.10 -6.21
CA MET E 40 -14.40 20.54 -5.65
C MET E 40 -14.61 22.04 -5.86
N GLU E 41 -13.52 22.78 -5.97
CA GLU E 41 -13.59 24.22 -6.16
C GLU E 41 -13.30 24.64 -7.60
N CYS E 42 -13.21 23.66 -8.51
CA CYS E 42 -12.94 23.94 -9.91
C CYS E 42 -14.18 24.53 -10.58
N ASP E 43 -14.07 25.78 -11.03
CA ASP E 43 -15.18 26.46 -11.69
C ASP E 43 -15.64 25.76 -12.96
N ALA E 44 -14.74 25.01 -13.59
CA ALA E 44 -15.09 24.28 -14.81
C ALA E 44 -16.22 23.30 -14.53
N CYS E 45 -16.25 22.81 -13.29
CA CYS E 45 -17.28 21.88 -12.87
C CYS E 45 -18.49 22.66 -12.34
C1 STE F . -1.63 2.69 -1.81
O1 STE F . -2.05 2.51 -2.96
O2 STE F . -1.27 3.82 -1.44
C2 STE F . -1.55 1.51 -0.87
C3 STE F . -0.44 0.53 -1.17
C4 STE F . -0.40 -0.64 -0.20
C5 STE F . 0.45 -0.35 1.03
C6 STE F . 1.58 -1.34 1.23
C7 STE F . 1.15 -2.53 2.08
C8 STE F . 2.30 -3.53 2.28
C9 STE F . 2.30 -4.12 3.67
C10 STE F . 3.43 -5.11 3.91
C11 STE F . 3.27 -5.90 5.19
C12 STE F . 4.65 -6.29 5.71
C13 STE F . 4.74 -7.80 5.82
C14 STE F . 4.78 -8.24 7.27
C15 STE F . 5.49 -9.58 7.43
C16 STE F . 6.31 -9.59 8.72
C17 STE F . 7.39 -10.71 8.84
C18 STE F . 7.14 -12.03 9.55
#